data_4BLU
#
_entry.id   4BLU
#
_cell.length_a   46.870
_cell.length_b   77.750
_cell.length_c   82.500
_cell.angle_alpha   90.00
_cell.angle_beta   104.00
_cell.angle_gamma   90.00
#
_symmetry.space_group_name_H-M   'P 1 21 1'
#
loop_
_entity.id
_entity.type
_entity.pdbx_description
1 polymer 'RIBOSOMAL RNA LARGE SUBUNIT METHYLTRANSFERASE J'
2 non-polymer 2-AMINO-2-HYDROXYMETHYL-PROPANE-1,3-DIOL
3 non-polymer GLYCEROL
4 non-polymer 1,2-ETHANEDIOL
5 non-polymer 'SULFATE ION'
6 non-polymer DI(HYDROXYETHYL)ETHER
7 water water
#
_entity_poly.entity_id   1
_entity_poly.type   'polypeptide(L)'
_entity_poly.pdbx_seq_one_letter_code
;MLSYRHSFHAGNHADVLKHTVQSLIIESLKEKDKPFLYLDTHAGAGRYQLGSEHAERTGEYLEGIARIWQQDDLPAELEA
YINVVKHFNRSGQLRYYPGSPLIARLLLREQDSLQLTELHPSDYPLLRSEFQKDSRARVEKADGFQQLKAKLPPVSRRGL
ILIDPPYEMKTDYQAVVSGIAEGYKRFATGIYALWYPVVLRQQIKRMIHDLEATGIRKILQIELAVLPDSDRRGMTASGM
IVINPPWKLEQQMNNVLPWLHSKLVPAGTGHATVSWIVPESKGHHHHHH
;
_entity_poly.pdbx_strand_id   A,B
#
loop_
_chem_comp.id
_chem_comp.type
_chem_comp.name
_chem_comp.formula
EDO non-polymer 1,2-ETHANEDIOL 'C2 H6 O2'
GOL non-polymer GLYCEROL 'C3 H8 O3'
PEG non-polymer DI(HYDROXYETHYL)ETHER 'C4 H10 O3'
SO4 non-polymer 'SULFATE ION' 'O4 S -2'
TRS non-polymer 2-AMINO-2-HYDROXYMETHYL-PROPANE-1,3-DIOL 'C4 H12 N O3 1'
#
# COMPACT_ATOMS: atom_id res chain seq x y z
N LEU A 2 18.50 -3.59 6.70
CA LEU A 2 19.24 -3.28 5.48
C LEU A 2 18.51 -2.20 4.70
N SER A 3 19.28 -1.41 3.96
CA SER A 3 18.71 -0.35 3.13
C SER A 3 18.22 -0.94 1.82
N TYR A 4 17.17 -0.35 1.26
CA TYR A 4 16.64 -0.85 0.00
C TYR A 4 17.68 -0.83 -1.11
N ARG A 5 17.64 -1.84 -1.97
CA ARG A 5 18.56 -2.00 -3.11
C ARG A 5 18.41 -0.92 -4.18
N HIS A 6 19.52 -0.29 -4.56
CA HIS A 6 19.57 0.63 -5.69
C HIS A 6 19.66 -0.10 -7.02
N SER A 7 19.09 0.49 -8.06
CA SER A 7 19.15 -0.09 -9.39
C SER A 7 19.14 0.97 -10.46
N PHE A 8 20.02 0.82 -11.42
CA PHE A 8 20.11 1.74 -12.55
C PHE A 8 19.09 1.41 -13.63
N HIS A 9 18.70 0.13 -13.73
CA HIS A 9 17.82 -0.30 -14.82
C HIS A 9 16.34 -0.36 -14.45
N ALA A 10 16.06 -0.40 -13.15
CA ALA A 10 14.68 -0.59 -12.71
C ALA A 10 13.73 0.47 -13.26
N GLY A 11 12.55 0.04 -13.72
CA GLY A 11 11.56 0.98 -14.23
C GLY A 11 11.84 1.43 -15.66
N ASN A 12 12.77 0.76 -16.34
CA ASN A 12 13.04 1.10 -17.72
C ASN A 12 11.93 0.62 -18.66
N HIS A 13 12.09 0.82 -19.96
CA HIS A 13 11.05 0.44 -20.93
C HIS A 13 10.72 -1.06 -20.85
N ALA A 14 11.75 -1.88 -20.58
CA ALA A 14 11.55 -3.33 -20.44
C ALA A 14 10.66 -3.69 -19.24
N ASP A 15 10.94 -3.09 -18.09
CA ASP A 15 10.08 -3.29 -16.92
C ASP A 15 8.64 -2.82 -17.18
N VAL A 16 8.48 -1.71 -17.89
CA VAL A 16 7.15 -1.21 -18.19
C VAL A 16 6.37 -2.28 -18.98
N LEU A 17 7.01 -2.87 -19.98
CA LEU A 17 6.36 -3.92 -20.77
C LEU A 17 6.09 -5.17 -19.91
N LYS A 18 7.11 -5.64 -19.22
CA LYS A 18 7.01 -6.85 -18.37
C LYS A 18 5.86 -6.76 -17.35
N HIS A 19 5.78 -5.61 -16.70
CA HIS A 19 4.78 -5.40 -15.66
C HIS A 19 3.39 -5.09 -16.18
N THR A 20 3.31 -4.47 -17.35
CA THR A 20 2.03 -4.33 -18.02
C THR A 20 1.45 -5.70 -18.29
N VAL A 21 2.26 -6.58 -18.86
CA VAL A 21 1.82 -7.95 -19.14
C VAL A 21 1.51 -8.78 -17.86
N GLN A 22 2.40 -8.74 -16.87
CA GLN A 22 2.14 -9.43 -15.60
C GLN A 22 0.80 -8.99 -14.98
N SER A 23 0.55 -7.69 -14.93
CA SER A 23 -0.66 -7.22 -14.27
CA SER A 23 -0.67 -7.19 -14.29
C SER A 23 -1.92 -7.67 -15.01
N LEU A 24 -1.87 -7.67 -16.33
CA LEU A 24 -3.02 -8.07 -17.12
C LEU A 24 -3.31 -9.55 -16.95
N ILE A 25 -2.25 -10.35 -16.85
CA ILE A 25 -2.45 -11.78 -16.61
C ILE A 25 -3.04 -12.01 -15.22
N ILE A 26 -2.49 -11.34 -14.22
CA ILE A 26 -3.03 -11.49 -12.86
C ILE A 26 -4.50 -11.06 -12.79
N GLU A 27 -4.86 -9.95 -13.42
CA GLU A 27 -6.26 -9.50 -13.37
C GLU A 27 -7.20 -10.54 -14.03
N SER A 28 -6.72 -11.21 -15.07
CA SER A 28 -7.49 -12.27 -15.71
CA SER A 28 -7.49 -12.26 -15.71
C SER A 28 -7.66 -13.48 -14.80
N LEU A 29 -6.58 -13.84 -14.10
CA LEU A 29 -6.66 -15.01 -13.22
C LEU A 29 -7.66 -14.74 -12.11
N LYS A 30 -7.75 -13.47 -11.70
CA LYS A 30 -8.68 -13.10 -10.63
C LYS A 30 -10.17 -13.20 -11.01
N GLU A 31 -10.48 -13.42 -12.29
CA GLU A 31 -11.87 -13.51 -12.75
C GLU A 31 -12.58 -14.79 -12.31
N LYS A 32 -11.81 -15.77 -11.86
CA LYS A 32 -12.35 -16.94 -11.18
C LYS A 32 -12.05 -16.84 -9.71
N ASP A 33 -13.04 -17.15 -8.89
CA ASP A 33 -12.94 -16.99 -7.44
C ASP A 33 -12.03 -18.03 -6.78
N LYS A 34 -11.65 -19.07 -7.53
CA LYS A 34 -10.76 -20.12 -7.04
C LYS A 34 -9.31 -19.62 -6.93
N PRO A 35 -8.56 -20.12 -5.95
CA PRO A 35 -7.21 -19.61 -5.71
C PRO A 35 -6.22 -19.92 -6.83
N PHE A 36 -5.17 -19.10 -6.94
CA PHE A 36 -4.07 -19.43 -7.86
C PHE A 36 -2.72 -19.08 -7.27
N LEU A 37 -1.67 -19.60 -7.90
CA LEU A 37 -0.30 -19.40 -7.45
C LEU A 37 0.44 -18.40 -8.33
N TYR A 38 1.23 -17.52 -7.72
CA TYR A 38 2.19 -16.71 -8.46
C TYR A 38 3.55 -17.28 -8.14
N LEU A 39 4.25 -17.81 -9.15
CA LEU A 39 5.58 -18.39 -8.93
C LEU A 39 6.59 -17.54 -9.67
N ASP A 40 7.56 -16.98 -8.94
CA ASP A 40 8.58 -16.10 -9.51
C ASP A 40 9.93 -16.78 -9.32
N THR A 41 10.54 -17.24 -10.41
CA THR A 41 11.79 -18.03 -10.31
C THR A 41 13.03 -17.21 -9.88
N HIS A 42 13.11 -15.96 -10.34
CA HIS A 42 14.22 -15.05 -10.08
C HIS A 42 13.64 -13.73 -9.53
N ALA A 43 13.35 -13.72 -8.24
CA ALA A 43 12.46 -12.73 -7.66
C ALA A 43 13.14 -11.41 -7.29
N GLY A 44 14.47 -11.40 -7.19
CA GLY A 44 15.15 -10.14 -6.89
C GLY A 44 14.93 -9.62 -5.48
N ALA A 45 15.05 -8.30 -5.28
CA ALA A 45 15.00 -7.72 -3.92
C ALA A 45 13.61 -7.39 -3.40
N GLY A 46 12.65 -7.24 -4.32
CA GLY A 46 11.30 -6.84 -3.96
C GLY A 46 10.97 -5.43 -4.45
N ARG A 47 11.82 -4.46 -4.10
CA ARG A 47 11.66 -3.09 -4.61
C ARG A 47 13.05 -2.48 -4.86
N TYR A 48 13.10 -1.40 -5.65
CA TYR A 48 14.38 -0.76 -5.97
C TYR A 48 14.31 0.75 -5.81
N GLN A 49 15.37 1.33 -5.24
CA GLN A 49 15.49 2.78 -5.16
C GLN A 49 15.92 3.36 -6.50
N LEU A 50 15.24 4.40 -6.96
CA LEU A 50 15.55 5.00 -8.25
C LEU A 50 16.46 6.23 -8.08
N GLY A 51 17.18 6.61 -9.14
CA GLY A 51 17.84 7.89 -9.17
C GLY A 51 19.31 7.93 -8.81
N SER A 52 19.83 6.79 -8.33
CA SER A 52 21.23 6.59 -7.96
C SER A 52 21.56 7.05 -6.55
N GLU A 53 22.68 6.60 -6.02
CA GLU A 53 23.02 6.93 -4.64
C GLU A 53 23.52 8.39 -4.55
N HIS A 54 24.01 8.93 -5.66
CA HIS A 54 24.47 10.33 -5.67
C HIS A 54 23.40 11.38 -5.94
N ALA A 55 23.78 12.65 -5.87
CA ALA A 55 22.83 13.76 -5.76
C ALA A 55 21.94 13.92 -7.00
N GLU A 56 22.51 13.64 -8.18
CA GLU A 56 21.79 13.74 -9.44
C GLU A 56 20.81 12.57 -9.61
N ARG A 57 19.67 12.85 -10.23
CA ARG A 57 18.61 11.87 -10.47
C ARG A 57 18.91 11.27 -11.84
N THR A 58 19.46 10.07 -11.84
CA THR A 58 19.85 9.42 -13.09
CA THR A 58 19.89 9.42 -13.07
C THR A 58 19.44 7.95 -13.03
N GLY A 59 19.16 7.39 -14.21
CA GLY A 59 18.71 6.02 -14.33
C GLY A 59 17.77 5.86 -15.52
N GLU A 60 17.62 4.63 -16.01
CA GLU A 60 16.77 4.36 -17.16
C GLU A 60 15.27 4.58 -16.92
N TYR A 61 14.86 4.66 -15.66
CA TYR A 61 13.46 4.92 -15.34
C TYR A 61 12.98 6.22 -15.97
N LEU A 62 13.92 7.13 -16.23
CA LEU A 62 13.61 8.43 -16.83
C LEU A 62 13.01 8.30 -18.21
N GLU A 63 13.40 7.24 -18.92
CA GLU A 63 12.87 6.96 -20.26
C GLU A 63 11.82 5.85 -20.27
N GLY A 64 11.47 5.37 -19.08
CA GLY A 64 10.50 4.29 -18.93
C GLY A 64 9.24 4.70 -18.18
N ILE A 65 9.12 4.25 -16.94
CA ILE A 65 7.93 4.53 -16.11
C ILE A 65 7.65 6.04 -15.96
N ALA A 66 8.70 6.86 -15.93
CA ALA A 66 8.50 8.32 -15.81
C ALA A 66 7.65 8.89 -16.94
N ARG A 67 7.77 8.31 -18.12
CA ARG A 67 7.04 8.81 -19.30
C ARG A 67 5.55 8.40 -19.38
N ILE A 68 5.11 7.52 -18.47
CA ILE A 68 3.71 7.10 -18.53
CA ILE A 68 3.78 6.91 -18.48
C ILE A 68 2.91 7.26 -17.25
N TRP A 69 3.55 7.26 -16.09
CA TRP A 69 2.77 7.16 -14.85
C TRP A 69 1.85 8.33 -14.50
N GLN A 70 2.10 9.50 -15.05
CA GLN A 70 1.22 10.63 -14.75
C GLN A 70 0.50 11.16 -15.97
N GLN A 71 0.40 10.34 -17.01
CA GLN A 71 -0.32 10.75 -18.19
C GLN A 71 -1.83 10.79 -17.92
N ASP A 72 -2.49 11.86 -18.34
CA ASP A 72 -3.93 11.98 -18.11
C ASP A 72 -4.76 11.03 -18.98
N ASP A 73 -4.19 10.59 -20.09
CA ASP A 73 -4.92 9.69 -21.00
C ASP A 73 -4.43 8.24 -20.89
N LEU A 74 -4.02 7.85 -19.69
CA LEU A 74 -3.56 6.47 -19.44
C LEU A 74 -4.64 5.48 -19.84
N PRO A 75 -4.30 4.53 -20.73
CA PRO A 75 -5.27 3.51 -21.10
C PRO A 75 -5.77 2.72 -19.88
N ALA A 76 -7.03 2.30 -19.90
CA ALA A 76 -7.61 1.56 -18.79
C ALA A 76 -6.84 0.27 -18.49
N GLU A 77 -6.22 -0.32 -19.51
CA GLU A 77 -5.47 -1.56 -19.31
C GLU A 77 -4.24 -1.38 -18.43
N LEU A 78 -3.83 -0.14 -18.21
CA LEU A 78 -2.64 0.10 -17.41
C LEU A 78 -2.93 0.53 -15.97
N GLU A 79 -4.21 0.68 -15.63
CA GLU A 79 -4.57 1.24 -14.34
CA GLU A 79 -4.60 1.22 -14.33
C GLU A 79 -4.10 0.40 -13.15
N ALA A 80 -4.30 -0.91 -13.21
CA ALA A 80 -3.91 -1.75 -12.08
C ALA A 80 -2.42 -1.64 -11.78
N TYR A 81 -1.60 -1.72 -12.83
CA TYR A 81 -0.16 -1.58 -12.75
C TYR A 81 0.27 -0.22 -12.19
N ILE A 82 -0.19 0.84 -12.82
CA ILE A 82 0.20 2.20 -12.43
C ILE A 82 -0.21 2.53 -11.00
N ASN A 83 -1.36 2.00 -10.58
CA ASN A 83 -1.79 2.21 -9.19
C ASN A 83 -0.86 1.55 -8.17
N VAL A 84 -0.26 0.42 -8.53
CA VAL A 84 0.79 -0.15 -7.69
C VAL A 84 2.01 0.78 -7.61
N VAL A 85 2.46 1.30 -8.76
CA VAL A 85 3.58 2.24 -8.79
C VAL A 85 3.28 3.47 -7.94
N LYS A 86 2.06 3.99 -8.03
CA LYS A 86 1.70 5.18 -7.26
C LYS A 86 1.70 4.87 -5.76
N HIS A 87 1.28 3.66 -5.39
CA HIS A 87 1.31 3.28 -3.98
C HIS A 87 2.70 3.41 -3.36
N PHE A 88 3.75 3.12 -4.14
CA PHE A 88 5.11 3.19 -3.60
C PHE A 88 5.75 4.57 -3.78
N ASN A 89 4.97 5.51 -4.29
CA ASN A 89 5.44 6.86 -4.58
C ASN A 89 4.38 7.91 -4.29
N ARG A 90 3.86 7.88 -3.06
CA ARG A 90 2.69 8.70 -2.75
C ARG A 90 2.95 10.20 -2.71
N SER A 91 4.21 10.62 -2.66
CA SER A 91 4.50 12.05 -2.73
C SER A 91 4.35 12.60 -4.15
N GLY A 92 4.29 11.71 -5.09
CA GLY A 92 4.17 12.10 -6.46
C GLY A 92 5.50 12.27 -7.18
N GLN A 93 6.55 11.88 -6.51
CA GLN A 93 7.88 11.83 -7.11
C GLN A 93 8.41 10.39 -7.18
N LEU A 94 9.05 10.06 -8.30
CA LEU A 94 9.59 8.71 -8.50
C LEU A 94 10.82 8.49 -7.62
N ARG A 95 10.67 7.61 -6.63
CA ARG A 95 11.76 7.30 -5.72
C ARG A 95 11.97 5.78 -5.61
N TYR A 96 10.88 5.03 -5.73
CA TYR A 96 10.93 3.58 -5.64
C TYR A 96 10.27 2.98 -6.87
N TYR A 97 10.70 1.79 -7.26
CA TYR A 97 10.03 1.05 -8.32
C TYR A 97 9.85 -0.39 -7.83
N PRO A 98 8.62 -0.92 -7.91
CA PRO A 98 8.34 -2.28 -7.40
C PRO A 98 8.92 -3.37 -8.28
N GLY A 99 9.48 -4.42 -7.68
CA GLY A 99 9.82 -5.61 -8.43
C GLY A 99 8.55 -6.40 -8.73
N SER A 100 8.64 -7.37 -9.64
CA SER A 100 7.48 -8.24 -9.92
C SER A 100 6.82 -8.83 -8.67
N PRO A 101 7.62 -9.23 -7.63
CA PRO A 101 6.95 -9.76 -6.44
C PRO A 101 6.03 -8.80 -5.73
N LEU A 102 6.33 -7.50 -5.76
CA LEU A 102 5.46 -6.54 -5.08
C LEU A 102 4.26 -6.17 -5.95
N ILE A 103 4.41 -6.23 -7.26
CA ILE A 103 3.25 -6.12 -8.17
CA ILE A 103 3.23 -6.08 -8.10
C ILE A 103 2.27 -7.22 -7.79
N ALA A 104 2.81 -8.44 -7.68
CA ALA A 104 2.01 -9.61 -7.29
C ALA A 104 1.43 -9.46 -5.89
N ARG A 105 2.23 -8.96 -4.95
CA ARG A 105 1.74 -8.82 -3.57
C ARG A 105 0.51 -7.92 -3.47
N LEU A 106 0.49 -6.83 -4.23
CA LEU A 106 -0.62 -5.88 -4.15
C LEU A 106 -1.83 -6.24 -5.03
N LEU A 107 -1.63 -7.12 -6.02
CA LEU A 107 -2.74 -7.48 -6.93
C LEU A 107 -3.41 -8.81 -6.57
N LEU A 108 -2.68 -9.70 -5.91
CA LEU A 108 -3.26 -10.99 -5.54
C LEU A 108 -4.31 -10.81 -4.44
N ARG A 109 -5.16 -11.82 -4.28
CA ARG A 109 -6.24 -11.78 -3.28
C ARG A 109 -5.83 -12.53 -2.02
N GLU A 110 -6.66 -12.48 -0.99
CA GLU A 110 -6.35 -13.19 0.27
C GLU A 110 -6.07 -14.67 0.07
N GLN A 111 -6.80 -15.31 -0.85
CA GLN A 111 -6.75 -16.76 -1.00
C GLN A 111 -5.61 -17.25 -1.91
N ASP A 112 -4.91 -16.32 -2.54
CA ASP A 112 -3.88 -16.71 -3.48
C ASP A 112 -2.54 -16.93 -2.79
N SER A 113 -1.59 -17.52 -3.52
CA SER A 113 -0.30 -17.88 -2.95
C SER A 113 0.86 -17.30 -3.76
N LEU A 114 2.00 -17.09 -3.11
CA LEU A 114 3.22 -16.69 -3.79
C LEU A 114 4.35 -17.63 -3.43
N GLN A 115 5.14 -18.02 -4.44
CA GLN A 115 6.35 -18.79 -4.21
CA GLN A 115 6.33 -18.84 -4.26
C GLN A 115 7.51 -18.11 -4.92
N LEU A 116 8.43 -17.59 -4.11
CA LEU A 116 9.50 -16.70 -4.59
C LEU A 116 10.90 -17.25 -4.28
N THR A 117 11.79 -17.21 -5.27
CA THR A 117 13.16 -17.64 -5.04
C THR A 117 14.17 -16.61 -5.52
N GLU A 118 15.21 -16.43 -4.72
CA GLU A 118 16.30 -15.51 -5.06
C GLU A 118 17.58 -15.94 -4.37
N LEU A 119 18.68 -16.00 -5.12
CA LEU A 119 19.96 -16.48 -4.57
C LEU A 119 20.90 -15.36 -4.05
N HIS A 120 20.75 -14.15 -4.56
CA HIS A 120 21.72 -13.08 -4.28
C HIS A 120 21.70 -12.64 -2.81
N PRO A 121 22.89 -12.51 -2.19
CA PRO A 121 22.99 -12.24 -0.74
C PRO A 121 22.64 -10.82 -0.31
N SER A 122 22.46 -9.88 -1.24
CA SER A 122 21.85 -8.61 -0.88
C SER A 122 20.33 -8.74 -1.07
N ASP A 123 19.92 -9.26 -2.22
CA ASP A 123 18.51 -9.27 -2.59
C ASP A 123 17.61 -10.18 -1.74
N TYR A 124 18.08 -11.40 -1.45
CA TYR A 124 17.27 -12.35 -0.67
C TYR A 124 16.83 -11.85 0.71
N PRO A 125 17.77 -11.32 1.53
CA PRO A 125 17.29 -10.84 2.84
C PRO A 125 16.31 -9.67 2.72
N LEU A 126 16.51 -8.81 1.75
CA LEU A 126 15.58 -7.73 1.49
C LEU A 126 14.22 -8.28 1.08
N LEU A 127 14.22 -9.30 0.22
CA LEU A 127 12.96 -9.92 -0.23
C LEU A 127 12.19 -10.54 0.94
N ARG A 128 12.90 -11.30 1.79
CA ARG A 128 12.29 -11.86 3.01
C ARG A 128 11.59 -10.82 3.87
N SER A 129 12.25 -9.67 4.00
CA SER A 129 11.71 -8.57 4.79
CA SER A 129 11.72 -8.58 4.80
C SER A 129 10.45 -7.99 4.19
N GLU A 130 10.35 -8.01 2.85
CA GLU A 130 9.14 -7.50 2.20
C GLU A 130 7.92 -8.37 2.50
N PHE A 131 8.15 -9.64 2.80
CA PHE A 131 7.04 -10.57 2.98
C PHE A 131 6.83 -11.13 4.41
N GLN A 132 7.61 -10.61 5.33
N GLN A 132 7.56 -10.60 5.38
CA GLN A 132 7.28 -10.83 6.79
CA GLN A 132 7.34 -10.95 6.77
C GLN A 132 5.73 -10.53 7.24
C GLN A 132 5.91 -10.61 7.20
N LYS A 133 5.19 -11.62 7.70
CA LYS A 133 3.79 -11.62 8.15
C LYS A 133 2.78 -11.65 7.01
N ASP A 134 3.27 -11.73 5.78
CA ASP A 134 2.39 -12.06 4.66
C ASP A 134 2.47 -13.56 4.50
N SER A 135 1.55 -14.27 5.14
CA SER A 135 1.59 -15.73 5.16
C SER A 135 1.26 -16.37 3.81
N ARG A 136 0.79 -15.59 2.84
CA ARG A 136 0.50 -16.13 1.51
C ARG A 136 1.78 -16.49 0.75
N ALA A 137 2.91 -15.93 1.17
CA ALA A 137 4.16 -16.05 0.42
C ALA A 137 5.13 -17.01 1.08
N ARG A 138 5.87 -17.73 0.24
CA ARG A 138 6.96 -18.57 0.69
C ARG A 138 8.19 -18.05 -0.05
N VAL A 139 9.23 -17.69 0.69
CA VAL A 139 10.39 -17.03 0.11
C VAL A 139 11.62 -17.86 0.41
N GLU A 140 12.29 -18.34 -0.64
CA GLU A 140 13.41 -19.26 -0.42
C GLU A 140 14.68 -18.84 -1.15
N LYS A 141 15.82 -19.12 -0.54
CA LYS A 141 17.11 -18.79 -1.16
C LYS A 141 17.55 -20.01 -1.94
N ALA A 142 17.10 -20.11 -3.18
CA ALA A 142 17.31 -21.33 -3.95
C ALA A 142 17.34 -21.03 -5.44
N ASP A 143 17.83 -22.01 -6.21
CA ASP A 143 17.92 -21.88 -7.65
C ASP A 143 16.53 -21.78 -8.27
N GLY A 144 16.34 -20.79 -9.12
CA GLY A 144 15.02 -20.54 -9.70
C GLY A 144 14.50 -21.62 -10.62
N PHE A 145 15.32 -22.08 -11.56
CA PHE A 145 14.87 -23.06 -12.54
C PHE A 145 14.49 -24.41 -11.88
N GLN A 146 15.15 -24.72 -10.77
CA GLN A 146 14.83 -25.95 -10.03
C GLN A 146 13.43 -25.92 -9.42
N GLN A 147 12.89 -24.73 -9.16
CA GLN A 147 11.51 -24.62 -8.65
C GLN A 147 10.44 -25.06 -9.64
N LEU A 148 10.78 -25.06 -10.92
CA LEU A 148 9.82 -25.50 -11.91
C LEU A 148 9.63 -27.02 -11.84
N LYS A 149 10.57 -27.71 -11.20
CA LYS A 149 10.45 -29.15 -10.97
C LYS A 149 9.83 -29.41 -9.60
N ALA A 150 10.27 -28.63 -8.62
CA ALA A 150 9.91 -28.84 -7.22
C ALA A 150 8.52 -28.35 -6.80
N LYS A 151 8.05 -27.28 -7.41
CA LYS A 151 6.85 -26.58 -6.91
C LYS A 151 5.63 -26.68 -7.84
N LEU A 152 5.81 -27.33 -8.98
CA LEU A 152 4.71 -27.49 -9.92
C LEU A 152 4.29 -28.96 -9.98
N PRO A 153 2.99 -29.24 -10.15
CA PRO A 153 1.94 -28.23 -10.25
C PRO A 153 1.53 -27.70 -8.88
N PRO A 154 0.88 -26.53 -8.85
CA PRO A 154 0.45 -26.03 -7.54
C PRO A 154 -0.78 -26.80 -7.05
N VAL A 155 -1.01 -26.83 -5.75
CA VAL A 155 -2.15 -27.56 -5.25
C VAL A 155 -3.44 -26.92 -5.77
N SER A 156 -3.41 -25.60 -5.96
CA SER A 156 -4.55 -24.88 -6.54
C SER A 156 -4.84 -25.24 -8.00
N ARG A 157 -3.83 -25.78 -8.69
CA ARG A 157 -3.95 -26.13 -10.11
C ARG A 157 -4.22 -24.94 -11.03
N ARG A 158 -3.85 -23.75 -10.57
CA ARG A 158 -3.97 -22.53 -11.33
C ARG A 158 -2.74 -21.68 -11.05
N GLY A 159 -2.26 -20.94 -12.04
CA GLY A 159 -1.17 -20.02 -11.73
C GLY A 159 -0.46 -19.32 -12.85
N LEU A 160 0.28 -18.28 -12.46
CA LEU A 160 1.22 -17.56 -13.32
C LEU A 160 2.64 -17.85 -12.86
N ILE A 161 3.44 -18.36 -13.81
CA ILE A 161 4.86 -18.61 -13.58
C ILE A 161 5.63 -17.52 -14.33
N LEU A 162 6.28 -16.62 -13.58
CA LEU A 162 7.01 -15.50 -14.19
CA LEU A 162 7.00 -15.49 -14.17
C LEU A 162 8.50 -15.78 -14.15
N ILE A 163 9.11 -15.82 -15.33
CA ILE A 163 10.53 -16.15 -15.48
C ILE A 163 11.28 -14.97 -16.06
N ASP A 164 12.14 -14.38 -15.25
CA ASP A 164 12.89 -13.17 -15.58
C ASP A 164 14.35 -13.44 -15.19
N PRO A 165 15.03 -14.27 -16.00
CA PRO A 165 16.29 -14.96 -15.71
C PRO A 165 17.53 -14.21 -16.17
N PRO A 166 18.72 -14.68 -15.77
CA PRO A 166 20.00 -14.12 -16.24
C PRO A 166 20.20 -14.44 -17.70
N TYR A 167 20.73 -13.49 -18.45
CA TYR A 167 21.05 -13.72 -19.85
C TYR A 167 22.49 -13.34 -20.16
N GLU A 168 23.43 -13.94 -19.44
CA GLU A 168 24.82 -13.47 -19.51
C GLU A 168 25.71 -14.36 -20.39
N MET A 169 25.31 -15.61 -20.62
CA MET A 169 26.08 -16.50 -21.49
C MET A 169 25.16 -17.47 -22.25
N LYS A 170 25.71 -18.16 -23.25
CA LYS A 170 24.89 -19.06 -24.09
C LYS A 170 24.04 -20.07 -23.30
N THR A 171 24.65 -20.67 -22.29
CA THR A 171 23.94 -21.59 -21.40
C THR A 171 22.74 -20.94 -20.69
N ASP A 172 22.79 -19.64 -20.45
CA ASP A 172 21.64 -18.93 -19.86
C ASP A 172 20.38 -18.98 -20.75
N TYR A 173 20.57 -18.77 -22.04
CA TYR A 173 19.47 -18.84 -23.01
C TYR A 173 18.92 -20.25 -23.15
N GLN A 174 19.78 -21.26 -23.00
CA GLN A 174 19.35 -22.65 -23.10
C GLN A 174 18.60 -23.06 -21.84
N ALA A 175 19.06 -22.56 -20.69
CA ALA A 175 18.46 -22.93 -19.40
C ALA A 175 16.98 -22.54 -19.35
N VAL A 176 16.65 -21.46 -20.03
CA VAL A 176 15.30 -20.93 -20.11
C VAL A 176 14.34 -21.93 -20.77
N VAL A 177 14.72 -22.44 -21.92
CA VAL A 177 13.84 -23.35 -22.65
C VAL A 177 13.68 -24.69 -21.91
N SER A 178 14.79 -25.21 -21.39
CA SER A 178 14.79 -26.46 -20.63
C SER A 178 13.93 -26.36 -19.38
N GLY A 179 14.01 -25.23 -18.70
CA GLY A 179 13.23 -25.02 -17.48
C GLY A 179 11.74 -24.96 -17.77
N ILE A 180 11.38 -24.23 -18.81
CA ILE A 180 9.99 -24.12 -19.22
C ILE A 180 9.42 -25.49 -19.57
N ALA A 181 10.21 -26.27 -20.31
CA ALA A 181 9.81 -27.63 -20.68
C ALA A 181 9.51 -28.50 -19.47
N GLU A 182 10.35 -28.38 -18.45
CA GLU A 182 10.18 -29.17 -17.23
C GLU A 182 8.94 -28.72 -16.47
N GLY A 183 8.71 -27.41 -16.41
CA GLY A 183 7.50 -26.95 -15.74
C GLY A 183 6.25 -27.39 -16.48
N TYR A 184 6.27 -27.24 -17.79
CA TYR A 184 5.09 -27.54 -18.62
C TYR A 184 4.73 -29.01 -18.52
N LYS A 185 5.75 -29.85 -18.38
CA LYS A 185 5.58 -31.28 -18.23
C LYS A 185 4.74 -31.57 -16.99
N ARG A 186 5.00 -30.80 -15.93
CA ARG A 186 4.33 -30.97 -14.64
C ARG A 186 3.01 -30.20 -14.52
N PHE A 187 2.87 -29.13 -15.29
CA PHE A 187 1.74 -28.22 -15.16
C PHE A 187 1.44 -27.59 -16.52
N ALA A 188 0.80 -28.36 -17.40
CA ALA A 188 0.58 -27.95 -18.77
C ALA A 188 -0.47 -26.84 -18.95
N THR A 189 -1.28 -26.61 -17.93
CA THR A 189 -2.29 -25.56 -18.01
C THR A 189 -1.84 -24.26 -17.31
N GLY A 190 -0.59 -24.23 -16.85
CA GLY A 190 -0.07 -23.01 -16.25
C GLY A 190 0.11 -21.90 -17.26
N ILE A 191 0.07 -20.64 -16.80
CA ILE A 191 0.44 -19.52 -17.66
C ILE A 191 1.89 -19.19 -17.41
N TYR A 192 2.72 -19.32 -18.44
CA TYR A 192 4.15 -19.03 -18.32
C TYR A 192 4.50 -17.73 -19.05
N ALA A 193 5.08 -16.79 -18.31
CA ALA A 193 5.48 -15.49 -18.85
C ALA A 193 6.99 -15.31 -18.72
N LEU A 194 7.66 -15.29 -19.86
CA LEU A 194 9.11 -15.19 -19.93
C LEU A 194 9.52 -13.83 -20.46
N TRP A 195 10.32 -13.09 -19.71
CA TRP A 195 10.90 -11.84 -20.20
C TRP A 195 12.22 -12.11 -20.91
N TYR A 196 12.44 -11.47 -22.06
CA TYR A 196 13.75 -11.58 -22.74
C TYR A 196 14.23 -10.22 -23.26
N PRO A 197 15.56 -10.00 -23.28
CA PRO A 197 16.15 -8.80 -23.87
C PRO A 197 16.57 -9.04 -25.32
N VAL A 198 16.60 -7.98 -26.13
CA VAL A 198 17.20 -8.08 -27.45
C VAL A 198 18.50 -7.28 -27.44
N VAL A 199 19.61 -8.00 -27.28
CA VAL A 199 20.94 -7.44 -27.45
C VAL A 199 21.49 -7.97 -28.78
N LEU A 200 21.54 -9.29 -28.91
CA LEU A 200 21.77 -9.89 -30.23
C LEU A 200 20.56 -10.70 -30.70
N ARG A 201 19.95 -10.26 -31.79
CA ARG A 201 18.76 -10.90 -32.34
C ARG A 201 18.95 -12.40 -32.58
N GLN A 202 20.15 -12.80 -33.01
CA GLN A 202 20.40 -14.20 -33.33
CA GLN A 202 20.44 -14.20 -33.33
C GLN A 202 20.21 -15.14 -32.13
N GLN A 203 20.55 -14.67 -30.94
CA GLN A 203 20.39 -15.47 -29.73
C GLN A 203 18.91 -15.68 -29.43
N ILE A 204 18.11 -14.66 -29.69
CA ILE A 204 16.67 -14.70 -29.50
C ILE A 204 16.02 -15.63 -30.54
N LYS A 205 16.47 -15.50 -31.79
CA LYS A 205 16.00 -16.41 -32.84
C LYS A 205 16.23 -17.86 -32.48
N ARG A 206 17.42 -18.16 -31.98
CA ARG A 206 17.73 -19.53 -31.58
C ARG A 206 16.88 -19.98 -30.40
N MET A 207 16.71 -19.10 -29.43
CA MET A 207 15.90 -19.41 -28.26
C MET A 207 14.47 -19.76 -28.66
N ILE A 208 13.88 -18.94 -29.53
CA ILE A 208 12.50 -19.17 -29.99
C ILE A 208 12.39 -20.44 -30.84
N HIS A 209 13.40 -20.70 -31.66
CA HIS A 209 13.48 -21.94 -32.40
C HIS A 209 13.48 -23.14 -31.44
N ASP A 210 14.31 -23.08 -30.40
CA ASP A 210 14.38 -24.17 -29.42
C ASP A 210 13.05 -24.34 -28.68
N LEU A 211 12.37 -23.23 -28.43
CA LEU A 211 11.08 -23.27 -27.77
C LEU A 211 10.02 -23.95 -28.64
N GLU A 212 10.01 -23.62 -29.93
CA GLU A 212 9.10 -24.27 -30.88
C GLU A 212 9.34 -25.78 -30.88
N ALA A 213 10.61 -26.17 -30.73
CA ALA A 213 11.00 -27.57 -30.80
C ALA A 213 10.48 -28.43 -29.65
N THR A 214 10.07 -27.80 -28.55
CA THR A 214 9.53 -28.55 -27.42
C THR A 214 8.18 -29.17 -27.71
N GLY A 215 7.52 -28.69 -28.75
CA GLY A 215 6.19 -29.16 -29.10
C GLY A 215 5.09 -28.44 -28.35
N ILE A 216 5.46 -27.53 -27.47
CA ILE A 216 4.50 -26.73 -26.71
C ILE A 216 3.70 -25.82 -27.64
N ARG A 217 2.39 -25.81 -27.47
CA ARG A 217 1.49 -24.99 -28.26
C ARG A 217 0.97 -23.76 -27.49
N LYS A 218 0.29 -22.90 -28.21
CA LYS A 218 -0.30 -21.70 -27.62
C LYS A 218 0.75 -20.76 -27.03
N ILE A 219 1.64 -20.25 -27.88
CA ILE A 219 2.71 -19.37 -27.43
C ILE A 219 2.62 -17.99 -28.12
N LEU A 220 2.39 -16.96 -27.33
CA LEU A 220 2.23 -15.59 -27.83
C LEU A 220 3.51 -14.80 -27.59
N GLN A 221 3.84 -13.91 -28.53
CA GLN A 221 5.03 -13.07 -28.42
C GLN A 221 4.66 -11.60 -28.51
N ILE A 222 5.07 -10.83 -27.51
CA ILE A 222 4.79 -9.40 -27.44
C ILE A 222 6.15 -8.72 -27.34
N GLU A 223 6.51 -7.86 -28.27
CA GLU A 223 7.83 -7.20 -28.29
C GLU A 223 7.72 -5.68 -28.52
N LEU A 224 8.54 -4.92 -27.81
CA LEU A 224 8.62 -3.50 -27.98
C LEU A 224 10.09 -3.10 -28.08
N ALA A 225 10.41 -2.51 -29.21
CA ALA A 225 11.72 -2.04 -29.53
C ALA A 225 11.80 -0.52 -29.57
N VAL A 226 12.77 0.00 -28.84
CA VAL A 226 13.02 1.40 -28.79
C VAL A 226 13.99 1.84 -29.93
N LEU A 227 14.69 0.88 -30.47
CA LEU A 227 15.54 1.05 -31.62
C LEU A 227 15.56 -0.16 -32.54
N PRO A 228 16.00 0.01 -33.78
CA PRO A 228 16.16 -1.13 -34.69
C PRO A 228 17.29 -2.07 -34.22
N ASP A 229 17.15 -3.37 -34.47
CA ASP A 229 18.15 -4.34 -34.06
C ASP A 229 19.55 -3.79 -34.42
N SER A 230 20.51 -4.02 -33.59
CA SER A 230 21.88 -3.70 -33.90
C SER A 230 22.89 -4.68 -33.29
N ASP A 231 24.10 -4.66 -33.82
CA ASP A 231 25.22 -5.39 -33.23
C ASP A 231 26.00 -4.55 -32.25
N ARG A 232 25.69 -3.27 -32.19
CA ARG A 232 26.58 -2.32 -31.57
C ARG A 232 25.84 -1.38 -30.68
N ARG A 233 24.86 -1.95 -30.01
CA ARG A 233 24.24 -1.30 -28.91
C ARG A 233 24.03 -2.30 -27.75
N GLY A 234 23.59 -1.84 -26.62
CA GLY A 234 23.14 -2.71 -25.61
C GLY A 234 21.80 -3.22 -26.13
N MET A 235 20.85 -3.10 -25.27
CA MET A 235 19.59 -3.64 -25.47
C MET A 235 18.75 -2.61 -26.25
N THR A 236 18.35 -3.00 -27.41
CA THR A 236 17.54 -2.16 -28.30
C THR A 236 16.05 -2.45 -28.11
N ALA A 237 15.68 -3.53 -27.52
CA ALA A 237 14.31 -4.03 -27.40
C ALA A 237 14.14 -5.07 -26.29
N SER A 238 12.90 -5.36 -25.95
CA SER A 238 12.65 -6.48 -25.06
C SER A 238 11.26 -7.04 -25.36
N GLY A 239 10.95 -8.21 -24.84
CA GLY A 239 9.66 -8.80 -25.07
C GLY A 239 9.18 -9.74 -23.97
N MET A 240 7.93 -10.14 -24.09
CA MET A 240 7.32 -11.14 -23.22
C MET A 240 6.81 -12.27 -24.10
N ILE A 241 7.24 -13.48 -23.79
CA ILE A 241 6.70 -14.70 -24.42
C ILE A 241 5.74 -15.35 -23.42
N VAL A 242 4.49 -15.54 -23.84
CA VAL A 242 3.47 -16.06 -22.93
C VAL A 242 2.90 -17.40 -23.41
N ILE A 243 3.10 -18.45 -22.62
CA ILE A 243 2.49 -19.75 -22.92
C ILE A 243 1.15 -19.84 -22.23
N ASN A 244 0.12 -20.29 -22.96
CA ASN A 244 -1.26 -20.27 -22.47
C ASN A 244 -1.75 -18.88 -22.05
N PRO A 245 -1.66 -17.89 -22.96
CA PRO A 245 -2.12 -16.56 -22.55
C PRO A 245 -3.62 -16.58 -22.29
N PRO A 246 -4.08 -15.76 -21.33
CA PRO A 246 -5.50 -15.60 -21.04
C PRO A 246 -6.21 -15.10 -22.29
N TRP A 247 -7.51 -15.35 -22.35
CA TRP A 247 -8.34 -15.09 -23.51
C TRP A 247 -8.25 -13.66 -24.07
N LYS A 248 -8.17 -12.68 -23.18
CA LYS A 248 -8.15 -11.27 -23.59
C LYS A 248 -6.76 -10.68 -23.90
N LEU A 249 -5.67 -11.37 -23.55
CA LEU A 249 -4.35 -10.72 -23.53
C LEU A 249 -3.92 -10.18 -24.89
N GLU A 250 -4.12 -10.97 -25.93
CA GLU A 250 -3.74 -10.55 -27.27
C GLU A 250 -4.42 -9.23 -27.65
N GLN A 251 -5.72 -9.17 -27.41
CA GLN A 251 -6.53 -7.99 -27.72
C GLN A 251 -6.06 -6.79 -26.85
N GLN A 252 -5.86 -7.06 -25.57
CA GLN A 252 -5.45 -6.00 -24.66
C GLN A 252 -4.13 -5.38 -25.10
N MET A 253 -3.19 -6.21 -25.51
CA MET A 253 -1.89 -5.73 -25.93
C MET A 253 -1.98 -5.00 -27.28
N ASN A 254 -2.80 -5.49 -28.19
CA ASN A 254 -3.01 -4.76 -29.44
C ASN A 254 -3.60 -3.38 -29.16
N ASN A 255 -4.41 -3.28 -28.11
CA ASN A 255 -4.99 -1.99 -27.72
C ASN A 255 -4.00 -0.99 -27.13
N VAL A 256 -3.06 -1.46 -26.30
CA VAL A 256 -2.18 -0.57 -25.55
C VAL A 256 -0.77 -0.36 -26.12
N LEU A 257 -0.26 -1.32 -26.88
CA LEU A 257 1.09 -1.15 -27.45
C LEU A 257 1.33 0.12 -28.28
N PRO A 258 0.37 0.54 -29.13
CA PRO A 258 0.63 1.79 -29.86
C PRO A 258 0.80 2.99 -28.92
N TRP A 259 -0.03 3.09 -27.89
CA TRP A 259 0.08 4.18 -26.93
C TRP A 259 1.41 4.09 -26.16
N LEU A 260 1.68 2.89 -25.65
CA LEU A 260 2.92 2.64 -24.91
C LEU A 260 4.15 2.98 -25.71
N HIS A 261 4.19 2.53 -26.96
CA HIS A 261 5.35 2.82 -27.78
C HIS A 261 5.49 4.32 -28.06
N SER A 262 4.37 5.00 -28.29
CA SER A 262 4.37 6.44 -28.53
CA SER A 262 4.40 6.44 -28.54
C SER A 262 4.91 7.23 -27.33
N LYS A 263 4.60 6.78 -26.12
CA LYS A 263 5.06 7.47 -24.92
C LYS A 263 6.50 7.12 -24.57
N LEU A 264 6.84 5.84 -24.69
CA LEU A 264 8.18 5.37 -24.35
C LEU A 264 9.22 5.80 -25.40
N VAL A 265 8.77 5.94 -26.64
CA VAL A 265 9.70 6.24 -27.74
C VAL A 265 9.19 7.42 -28.58
N PRO A 266 9.31 8.65 -28.05
CA PRO A 266 8.70 9.79 -28.75
C PRO A 266 9.24 10.00 -30.18
N ALA A 267 10.47 9.56 -30.45
CA ALA A 267 11.04 9.68 -31.78
C ALA A 267 10.48 8.68 -32.81
N GLY A 268 9.73 7.68 -32.33
CA GLY A 268 9.04 6.77 -33.23
C GLY A 268 9.90 5.66 -33.82
N THR A 269 11.12 5.53 -33.32
CA THR A 269 12.04 4.49 -33.78
C THR A 269 11.67 3.10 -33.26
N GLY A 270 12.23 2.05 -33.86
CA GLY A 270 11.96 0.70 -33.41
C GLY A 270 10.61 0.20 -33.91
N HIS A 271 9.92 -0.55 -33.05
CA HIS A 271 8.63 -1.16 -33.41
C HIS A 271 7.93 -1.69 -32.17
N ALA A 272 6.68 -2.11 -32.36
CA ALA A 272 5.89 -2.79 -31.34
C ALA A 272 5.00 -3.83 -32.02
N THR A 273 5.16 -5.10 -31.65
CA THR A 273 4.43 -6.19 -32.30
C THR A 273 3.81 -7.19 -31.32
N VAL A 274 2.67 -7.77 -31.73
CA VAL A 274 2.06 -8.91 -31.05
C VAL A 274 1.82 -9.98 -32.10
N SER A 275 2.37 -11.17 -31.89
CA SER A 275 2.14 -12.27 -32.81
C SER A 275 2.32 -13.62 -32.13
N TRP A 276 1.92 -14.68 -32.84
CA TRP A 276 2.01 -16.04 -32.31
C TRP A 276 3.27 -16.75 -32.78
N ILE A 277 4.00 -17.35 -31.84
CA ILE A 277 5.12 -18.20 -32.18
C ILE A 277 4.56 -19.57 -32.54
N VAL A 278 3.69 -20.09 -31.68
CA VAL A 278 2.98 -21.34 -31.94
C VAL A 278 1.48 -21.19 -31.65
N PRO A 279 0.66 -21.23 -32.70
CA PRO A 279 -0.80 -21.03 -32.62
C PRO A 279 -1.56 -22.17 -31.92
N GLU A 280 -2.81 -21.97 -31.61
CA GLU A 280 -3.59 -23.12 -31.15
C GLU A 280 -3.89 -23.23 -29.70
N LEU B 2 12.33 -4.94 10.38
CA LEU B 2 12.19 -4.28 11.67
C LEU B 2 11.34 -5.06 12.66
N SER B 3 11.64 -4.86 13.94
CA SER B 3 10.82 -5.41 15.01
C SER B 3 9.75 -4.38 15.33
N TYR B 4 8.59 -4.50 14.69
CA TYR B 4 7.47 -3.58 14.93
C TYR B 4 6.94 -3.63 16.35
N ARG B 5 6.46 -2.49 16.86
CA ARG B 5 5.94 -2.40 18.23
C ARG B 5 4.69 -3.24 18.49
N HIS B 6 4.74 -4.05 19.54
CA HIS B 6 3.58 -4.78 20.01
C HIS B 6 2.67 -3.86 20.80
N SER B 7 1.38 -4.17 20.76
CA SER B 7 0.38 -3.42 21.52
C SER B 7 -0.79 -4.30 21.92
N PHE B 8 -1.19 -4.23 23.18
CA PHE B 8 -2.32 -4.97 23.71
C PHE B 8 -3.65 -4.27 23.40
N HIS B 9 -3.59 -2.94 23.24
CA HIS B 9 -4.81 -2.13 23.05
C HIS B 9 -5.10 -1.73 21.60
N ALA B 10 -4.09 -1.80 20.72
CA ALA B 10 -4.29 -1.33 19.35
C ALA B 10 -5.46 -2.06 18.66
N GLY B 11 -6.29 -1.29 17.96
CA GLY B 11 -7.40 -1.85 17.23
C GLY B 11 -8.62 -2.12 18.09
N ASN B 12 -8.63 -1.62 19.32
CA ASN B 12 -9.80 -1.81 20.18
C ASN B 12 -10.98 -0.94 19.72
N HIS B 13 -12.08 -1.00 20.45
CA HIS B 13 -13.28 -0.25 20.06
C HIS B 13 -12.97 1.24 19.95
N ALA B 14 -12.10 1.74 20.82
CA ALA B 14 -11.68 3.16 20.82
C ALA B 14 -10.95 3.56 19.53
N ASP B 15 -10.00 2.74 19.11
CA ASP B 15 -9.30 2.97 17.83
C ASP B 15 -10.25 2.94 16.64
N VAL B 16 -11.22 2.02 16.67
CA VAL B 16 -12.20 1.91 15.59
C VAL B 16 -12.96 3.23 15.46
N LEU B 17 -13.41 3.77 16.58
CA LEU B 17 -14.14 5.04 16.60
C LEU B 17 -13.22 6.16 16.14
N LYS B 18 -12.04 6.25 16.75
CA LYS B 18 -11.07 7.29 16.43
C LYS B 18 -10.74 7.32 14.93
N HIS B 19 -10.49 6.15 14.36
CA HIS B 19 -10.05 6.07 12.96
C HIS B 19 -11.20 6.21 11.95
N THR B 20 -12.40 5.81 12.36
CA THR B 20 -13.61 6.06 11.58
C THR B 20 -13.75 7.57 11.43
N VAL B 21 -13.64 8.28 12.56
CA VAL B 21 -13.74 9.74 12.52
C VAL B 21 -12.61 10.41 11.74
N GLN B 22 -11.37 10.01 12.00
CA GLN B 22 -10.25 10.58 11.26
C GLN B 22 -10.39 10.42 9.75
N SER B 23 -10.76 9.22 9.32
CA SER B 23 -10.83 8.94 7.90
CA SER B 23 -10.84 8.93 7.90
C SER B 23 -11.93 9.77 7.24
N LEU B 24 -13.06 9.91 7.93
CA LEU B 24 -14.17 10.68 7.37
C LEU B 24 -13.82 12.15 7.25
N ILE B 25 -13.09 12.66 8.23
CA ILE B 25 -12.65 14.05 8.15
C ILE B 25 -11.67 14.25 6.99
N ILE B 26 -10.71 13.35 6.85
CA ILE B 26 -9.77 13.43 5.73
C ILE B 26 -10.49 13.39 4.38
N GLU B 27 -11.46 12.49 4.23
CA GLU B 27 -12.17 12.37 2.95
C GLU B 27 -12.94 13.65 2.61
N SER B 28 -13.51 14.32 3.61
CA SER B 28 -14.12 15.64 3.43
C SER B 28 -13.13 16.72 3.01
N LEU B 29 -11.93 16.72 3.62
CA LEU B 29 -10.93 17.72 3.29
C LEU B 29 -10.49 17.57 1.85
N LYS B 30 -10.50 16.32 1.38
CA LYS B 30 -10.10 16.02 0.00
C LYS B 30 -11.10 16.52 -1.05
N GLU B 31 -12.25 17.03 -0.61
CA GLU B 31 -13.27 17.56 -1.53
C GLU B 31 -12.93 18.92 -2.13
N LYS B 32 -11.93 19.60 -1.60
CA LYS B 32 -11.41 20.78 -2.26
C LYS B 32 -10.04 20.48 -2.83
N ASP B 33 -9.82 20.89 -4.07
CA ASP B 33 -8.55 20.69 -4.75
C ASP B 33 -7.50 21.70 -4.30
N LYS B 34 -7.41 21.92 -2.99
CA LYS B 34 -6.39 22.76 -2.38
C LYS B 34 -5.68 21.90 -1.34
N PRO B 35 -4.36 22.08 -1.16
CA PRO B 35 -3.66 21.20 -0.22
C PRO B 35 -4.05 21.43 1.24
N PHE B 36 -3.89 20.41 2.06
CA PHE B 36 -4.07 20.57 3.51
C PHE B 36 -2.99 19.83 4.30
N LEU B 37 -2.90 20.15 5.59
CA LEU B 37 -1.91 19.59 6.47
C LEU B 37 -2.56 18.58 7.42
N TYR B 38 -1.91 17.44 7.62
CA TYR B 38 -2.29 16.55 8.71
C TYR B 38 -1.22 16.68 9.79
N LEU B 39 -1.62 17.18 10.97
CA LEU B 39 -0.69 17.35 12.06
C LEU B 39 -1.05 16.41 13.20
N ASP B 40 -0.11 15.54 13.56
CA ASP B 40 -0.35 14.54 14.61
C ASP B 40 0.61 14.81 15.78
N THR B 41 0.04 15.23 16.91
CA THR B 41 0.82 15.68 18.06
C THR B 41 1.53 14.55 18.80
N HIS B 42 0.87 13.39 18.88
CA HIS B 42 1.39 12.20 19.57
C HIS B 42 1.31 10.99 18.63
N ALA B 43 2.27 10.88 17.74
CA ALA B 43 2.10 10.04 16.55
C ALA B 43 2.41 8.55 16.75
N GLY B 44 3.11 8.22 17.82
CA GLY B 44 3.40 6.82 18.11
C GLY B 44 4.39 6.15 17.15
N ALA B 45 4.28 4.83 17.00
CA ALA B 45 5.24 4.06 16.21
C ALA B 45 4.90 3.97 14.72
N GLY B 46 3.65 4.20 14.37
CA GLY B 46 3.24 4.09 12.97
C GLY B 46 2.32 2.90 12.71
N ARG B 47 2.77 1.72 13.09
CA ARG B 47 1.95 0.51 13.00
C ARG B 47 2.21 -0.36 14.23
N TYR B 48 1.27 -1.26 14.51
CA TYR B 48 1.39 -2.12 15.70
C TYR B 48 1.15 -3.58 15.38
N GLN B 49 2.01 -4.43 15.92
CA GLN B 49 1.82 -5.86 15.82
C GLN B 49 0.75 -6.32 16.82
N LEU B 50 -0.21 -7.10 16.34
CA LEU B 50 -1.34 -7.55 17.14
C LEU B 50 -1.10 -8.97 17.67
N GLY B 51 -1.79 -9.33 18.75
CA GLY B 51 -1.82 -10.73 19.12
C GLY B 51 -0.83 -11.17 20.18
N SER B 52 0.07 -10.26 20.56
CA SER B 52 1.09 -10.49 21.61
C SER B 52 2.29 -11.26 21.06
N GLU B 56 -0.40 -17.91 21.45
CA GLU B 56 -1.80 -17.51 21.45
C GLU B 56 -1.88 -16.18 20.65
N ARG B 57 -3.12 -15.88 20.34
CA ARG B 57 -3.64 -14.60 19.82
C ARG B 57 -4.52 -13.87 20.83
N THR B 58 -3.95 -12.89 21.51
CA THR B 58 -4.66 -12.15 22.55
CA THR B 58 -4.67 -12.15 22.54
C THR B 58 -4.52 -10.65 22.35
N GLY B 59 -5.51 -9.89 22.83
CA GLY B 59 -5.53 -8.45 22.64
C GLY B 59 -6.93 -7.87 22.51
N GLU B 60 -7.06 -6.57 22.77
CA GLU B 60 -8.37 -5.94 22.64
C GLU B 60 -8.90 -5.84 21.20
N TYR B 61 -8.02 -6.00 20.22
CA TYR B 61 -8.45 -5.95 18.82
C TYR B 61 -9.54 -6.99 18.53
N LEU B 62 -9.54 -8.08 19.32
CA LEU B 62 -10.51 -9.16 19.14
C LEU B 62 -11.95 -8.68 19.34
N GLU B 63 -12.11 -7.66 20.19
CA GLU B 63 -13.42 -7.06 20.42
C GLU B 63 -13.60 -5.72 19.69
N GLY B 64 -12.61 -5.34 18.89
CA GLY B 64 -12.64 -4.07 18.17
C GLY B 64 -12.70 -4.29 16.67
N ILE B 65 -11.59 -4.03 15.99
CA ILE B 65 -11.50 -4.14 14.55
C ILE B 65 -11.86 -5.53 14.00
N ALA B 66 -11.57 -6.57 14.76
CA ALA B 66 -11.87 -7.94 14.31
C ALA B 66 -13.36 -8.13 14.03
N ARG B 67 -14.20 -7.44 14.78
CA ARG B 67 -15.65 -7.59 14.65
C ARG B 67 -16.26 -6.80 13.51
N ILE B 68 -15.48 -5.96 12.84
CA ILE B 68 -16.04 -5.21 11.72
C ILE B 68 -15.37 -5.40 10.35
N TRP B 69 -14.07 -5.70 10.32
CA TRP B 69 -13.31 -5.52 9.07
C TRP B 69 -13.70 -6.46 7.93
N GLN B 70 -14.35 -7.58 8.24
CA GLN B 70 -14.76 -8.52 7.19
CA GLN B 70 -14.75 -8.54 7.22
C GLN B 70 -16.27 -8.69 7.11
N GLN B 71 -17.00 -7.72 7.64
CA GLN B 71 -18.45 -7.73 7.54
C GLN B 71 -18.96 -7.43 6.13
N ASP B 72 -19.95 -8.19 5.68
CA ASP B 72 -20.52 -8.02 4.34
C ASP B 72 -21.38 -6.77 4.17
N ASP B 73 -21.97 -6.29 5.26
CA ASP B 73 -22.83 -5.12 5.20
C ASP B 73 -22.11 -3.87 5.75
N LEU B 74 -20.81 -3.79 5.48
CA LEU B 74 -20.03 -2.64 5.92
C LEU B 74 -20.61 -1.36 5.35
N PRO B 75 -20.96 -0.42 6.23
CA PRO B 75 -21.50 0.88 5.77
C PRO B 75 -20.49 1.59 4.87
N ALA B 76 -20.99 2.34 3.89
CA ALA B 76 -20.10 3.03 2.96
C ALA B 76 -19.13 3.98 3.65
N GLU B 77 -19.56 4.53 4.79
CA GLU B 77 -18.75 5.48 5.54
C GLU B 77 -17.48 4.84 6.13
N LEU B 78 -17.42 3.51 6.17
CA LEU B 78 -16.24 2.81 6.73
C LEU B 78 -15.28 2.24 5.68
N GLU B 79 -15.61 2.38 4.39
CA GLU B 79 -14.83 1.71 3.35
C GLU B 79 -13.40 2.22 3.26
N ALA B 80 -13.21 3.54 3.28
CA ALA B 80 -11.86 4.09 3.15
C ALA B 80 -10.97 3.59 4.31
N TYR B 81 -11.47 3.67 5.54
CA TYR B 81 -10.77 3.13 6.72
C TYR B 81 -10.47 1.63 6.63
N ILE B 82 -11.49 0.82 6.39
CA ILE B 82 -11.30 -0.64 6.36
C ILE B 82 -10.33 -1.05 5.23
N ASN B 83 -10.37 -0.33 4.11
CA ASN B 83 -9.42 -0.61 3.03
C ASN B 83 -7.96 -0.35 3.44
N VAL B 84 -7.72 0.65 4.29
CA VAL B 84 -6.37 0.81 4.86
C VAL B 84 -6.00 -0.37 5.76
N VAL B 85 -6.92 -0.80 6.61
CA VAL B 85 -6.65 -1.96 7.46
C VAL B 85 -6.34 -3.19 6.61
N LYS B 86 -7.07 -3.37 5.52
CA LYS B 86 -6.85 -4.55 4.69
C LYS B 86 -5.49 -4.50 3.99
N HIS B 87 -5.07 -3.31 3.61
CA HIS B 87 -3.76 -3.15 2.96
C HIS B 87 -2.63 -3.72 3.82
N PHE B 88 -2.76 -3.58 5.14
CA PHE B 88 -1.72 -4.04 6.07
C PHE B 88 -1.93 -5.49 6.53
N ASN B 89 -2.93 -6.15 5.96
CA ASN B 89 -3.26 -7.51 6.34
C ASN B 89 -3.74 -8.29 5.11
N ARG B 90 -2.93 -8.32 4.07
CA ARG B 90 -3.36 -8.87 2.79
C ARG B 90 -3.57 -10.38 2.77
N SER B 91 -3.03 -11.06 3.78
CA SER B 91 -3.26 -12.50 3.90
C SER B 91 -4.67 -12.84 4.41
N GLY B 92 -5.40 -11.83 4.91
CA GLY B 92 -6.72 -12.04 5.47
C GLY B 92 -6.68 -12.37 6.95
N GLN B 93 -5.48 -12.45 7.50
CA GLN B 93 -5.33 -12.68 8.92
C GLN B 93 -5.00 -11.34 9.55
N LEU B 94 -5.56 -11.07 10.71
CA LEU B 94 -5.29 -9.81 11.42
C LEU B 94 -3.98 -9.92 12.17
N ARG B 95 -2.92 -9.31 11.64
CA ARG B 95 -1.62 -9.33 12.30
C ARG B 95 -1.05 -7.95 12.63
N TYR B 96 -1.50 -6.95 11.89
CA TYR B 96 -1.06 -5.56 12.07
C TYR B 96 -2.25 -4.61 12.17
N TYR B 97 -2.05 -3.50 12.88
CA TYR B 97 -3.05 -2.44 12.93
C TYR B 97 -2.33 -1.10 12.71
N PRO B 98 -2.83 -0.29 11.76
CA PRO B 98 -2.19 0.99 11.45
C PRO B 98 -2.43 2.05 12.53
N GLY B 99 -1.41 2.82 12.88
CA GLY B 99 -1.61 4.00 13.72
C GLY B 99 -2.22 5.11 12.89
N SER B 100 -2.71 6.16 13.56
CA SER B 100 -3.23 7.33 12.86
C SER B 100 -2.31 7.92 11.76
N PRO B 101 -0.97 7.94 11.98
CA PRO B 101 -0.15 8.44 10.86
C PRO B 101 -0.23 7.59 9.56
N LEU B 102 -0.46 6.30 9.67
CA LEU B 102 -0.54 5.46 8.47
C LEU B 102 -1.92 5.52 7.81
N ILE B 103 -2.96 5.78 8.59
CA ILE B 103 -4.26 6.10 8.00
C ILE B 103 -4.08 7.35 7.14
N ALA B 104 -3.41 8.35 7.71
CA ALA B 104 -3.16 9.57 6.99
C ALA B 104 -2.27 9.35 5.76
N ARG B 105 -1.23 8.54 5.92
CA ARG B 105 -0.31 8.31 4.82
C ARG B 105 -0.98 7.73 3.59
N LEU B 106 -1.93 6.82 3.80
CA LEU B 106 -2.61 6.17 2.70
C LEU B 106 -3.83 6.93 2.16
N LEU B 107 -4.37 7.86 2.96
CA LEU B 107 -5.55 8.61 2.51
C LEU B 107 -5.26 9.99 1.94
N LEU B 108 -4.15 10.61 2.34
CA LEU B 108 -3.82 11.94 1.85
C LEU B 108 -3.41 11.86 0.38
N ARG B 109 -3.45 13.00 -0.28
CA ARG B 109 -3.13 13.08 -1.71
C ARG B 109 -1.69 13.49 -1.89
N GLU B 110 -1.23 13.49 -3.15
CA GLU B 110 0.14 13.93 -3.44
C GLU B 110 0.42 15.34 -2.92
N GLN B 111 -0.56 16.23 -3.02
CA GLN B 111 -0.30 17.63 -2.71
CA GLN B 111 -0.39 17.65 -2.73
C GLN B 111 -0.39 17.97 -1.23
N ASP B 112 -0.80 17.02 -0.41
CA ASP B 112 -0.99 17.27 1.02
C ASP B 112 0.30 17.06 1.83
N SER B 113 0.28 17.54 3.09
CA SER B 113 1.46 17.49 3.95
C SER B 113 1.15 16.79 5.25
N LEU B 114 2.17 16.19 5.85
CA LEU B 114 2.07 15.60 7.19
C LEU B 114 3.16 16.14 8.11
N GLN B 115 2.76 16.48 9.34
CA GLN B 115 3.72 16.88 10.35
CA GLN B 115 3.69 16.92 10.38
C GLN B 115 3.49 16.01 11.58
N LEU B 116 4.45 15.13 11.86
CA LEU B 116 4.29 14.11 12.89
C LEU B 116 5.34 14.26 13.96
N THR B 117 4.92 14.17 15.23
CA THR B 117 5.85 14.20 16.36
C THR B 117 5.65 13.04 17.34
N GLU B 118 6.77 12.49 17.79
CA GLU B 118 6.78 11.41 18.77
C GLU B 118 8.06 11.46 19.60
N LEU B 119 7.91 11.38 20.92
CA LEU B 119 9.03 11.53 21.84
C LEU B 119 9.68 10.23 22.25
N HIS B 120 8.93 9.13 22.20
CA HIS B 120 9.48 7.88 22.74
C HIS B 120 10.63 7.40 21.87
N PRO B 121 11.78 7.09 22.50
CA PRO B 121 13.00 6.82 21.74
C PRO B 121 13.00 5.46 21.03
N SER B 122 12.07 4.58 21.36
CA SER B 122 11.91 3.33 20.62
CA SER B 122 11.95 3.34 20.60
C SER B 122 10.90 3.49 19.49
N ASP B 123 9.84 4.25 19.77
CA ASP B 123 8.79 4.53 18.79
C ASP B 123 9.21 5.48 17.65
N TYR B 124 9.94 6.54 17.98
CA TYR B 124 10.38 7.53 16.99
C TYR B 124 11.14 6.95 15.77
N PRO B 125 12.17 6.13 16.00
CA PRO B 125 12.85 5.54 14.83
C PRO B 125 11.95 4.66 13.96
N LEU B 126 11.01 3.93 14.56
CA LEU B 126 10.04 3.14 13.79
C LEU B 126 9.17 4.05 12.95
N LEU B 127 8.73 5.16 13.54
CA LEU B 127 7.87 6.09 12.83
C LEU B 127 8.60 6.71 11.64
N ARG B 128 9.84 7.13 11.87
CA ARG B 128 10.67 7.65 10.80
C ARG B 128 10.78 6.66 9.64
N SER B 129 10.92 5.38 9.96
CA SER B 129 11.07 4.37 8.92
C SER B 129 9.81 4.21 8.10
N GLU B 130 8.65 4.51 8.66
CA GLU B 130 7.40 4.43 7.91
C GLU B 130 7.31 5.52 6.81
N PHE B 131 8.05 6.60 6.98
CA PHE B 131 7.96 7.76 6.10
C PHE B 131 9.23 8.02 5.28
N GLN B 132 10.05 6.97 5.13
CA GLN B 132 11.21 6.99 4.25
C GLN B 132 10.85 7.39 2.84
N LYS B 133 11.52 8.43 2.32
CA LYS B 133 11.35 8.84 0.92
C LYS B 133 9.98 9.46 0.60
N ASP B 134 9.13 9.61 1.62
CA ASP B 134 7.87 10.33 1.47
C ASP B 134 8.09 11.81 1.83
N SER B 135 8.32 12.63 0.81
CA SER B 135 8.68 14.04 1.02
C SER B 135 7.54 14.91 1.56
N ARG B 136 6.33 14.37 1.57
CA ARG B 136 5.18 15.08 2.12
C ARG B 136 5.27 15.16 3.63
N ALA B 137 6.04 14.27 4.24
CA ALA B 137 6.01 14.12 5.69
C ALA B 137 7.25 14.66 6.38
N ARG B 138 7.05 15.26 7.54
CA ARG B 138 8.14 15.66 8.40
C ARG B 138 7.91 14.96 9.72
N VAL B 139 8.93 14.26 10.22
CA VAL B 139 8.80 13.47 11.43
C VAL B 139 9.83 13.93 12.44
N GLU B 140 9.38 14.40 13.61
CA GLU B 140 10.28 15.00 14.58
C GLU B 140 10.16 14.39 15.96
N LYS B 141 11.29 14.32 16.67
CA LYS B 141 11.31 13.83 18.05
C LYS B 141 11.13 15.03 18.96
N ALA B 142 9.88 15.37 19.24
CA ALA B 142 9.56 16.60 19.96
C ALA B 142 8.23 16.51 20.69
N ASP B 143 8.01 17.44 21.60
CA ASP B 143 6.79 17.54 22.39
C ASP B 143 5.59 17.89 21.51
N GLY B 144 4.51 17.15 21.66
CA GLY B 144 3.34 17.33 20.81
C GLY B 144 2.62 18.66 20.99
N PHE B 145 2.34 19.04 22.23
CA PHE B 145 1.59 20.28 22.42
C PHE B 145 2.37 21.50 21.96
N GLN B 146 3.68 21.44 21.99
CA GLN B 146 4.51 22.55 21.53
C GLN B 146 4.38 22.76 20.02
N GLN B 147 4.05 21.71 19.32
CA GLN B 147 3.78 21.84 17.88
C GLN B 147 2.55 22.70 17.55
N LEU B 148 1.63 22.80 18.50
CA LEU B 148 0.47 23.65 18.26
C LEU B 148 0.88 25.12 18.28
N LYS B 149 2.04 25.42 18.84
CA LYS B 149 2.57 26.77 18.79
C LYS B 149 3.51 26.92 17.59
N ALA B 150 4.36 25.92 17.36
CA ALA B 150 5.41 26.05 16.36
C ALA B 150 4.94 25.87 14.91
N LYS B 151 3.93 25.03 14.69
CA LYS B 151 3.63 24.61 13.32
C LYS B 151 2.29 25.17 12.80
N LEU B 152 1.57 25.90 13.64
CA LEU B 152 0.30 26.46 13.19
C LEU B 152 0.36 27.99 13.08
N PRO B 153 -0.33 28.57 12.09
CA PRO B 153 -1.13 27.91 11.05
C PRO B 153 -0.25 27.40 9.91
N PRO B 154 -0.75 26.44 9.13
CA PRO B 154 0.04 26.00 7.97
C PRO B 154 -0.08 27.02 6.85
N VAL B 155 0.89 27.10 5.93
CA VAL B 155 0.75 28.05 4.83
C VAL B 155 -0.44 27.69 3.94
N SER B 156 -0.74 26.40 3.85
CA SER B 156 -1.91 25.96 3.09
C SER B 156 -3.20 26.50 3.68
N ARG B 157 -3.15 26.87 4.96
CA ARG B 157 -4.32 27.39 5.67
C ARG B 157 -5.49 26.40 5.77
N ARG B 158 -5.20 25.10 5.66
CA ARG B 158 -6.22 24.07 5.77
C ARG B 158 -5.55 22.94 6.53
N GLY B 159 -6.30 22.23 7.36
CA GLY B 159 -5.73 21.06 7.98
C GLY B 159 -6.55 20.38 9.04
N LEU B 160 -6.15 19.14 9.35
CA LEU B 160 -6.68 18.34 10.45
C LEU B 160 -5.59 18.19 11.50
N ILE B 161 -5.89 18.60 12.73
CA ILE B 161 -4.99 18.42 13.85
C ILE B 161 -5.52 17.30 14.74
N LEU B 162 -4.82 16.17 14.76
CA LEU B 162 -5.30 15.01 15.51
CA LEU B 162 -5.30 15.01 15.51
C LEU B 162 -4.52 14.83 16.80
N ILE B 163 -5.24 14.87 17.91
CA ILE B 163 -4.62 14.85 19.24
C ILE B 163 -5.07 13.62 20.04
N ASP B 164 -4.12 12.74 20.33
CA ASP B 164 -4.37 11.48 21.01
C ASP B 164 -3.39 11.41 22.19
N PRO B 165 -3.67 12.20 23.25
CA PRO B 165 -2.72 12.56 24.31
C PRO B 165 -2.76 11.65 25.55
N PRO B 166 -1.79 11.82 26.47
CA PRO B 166 -1.81 11.05 27.73
C PRO B 166 -2.93 11.51 28.65
N TYR B 167 -3.58 10.57 29.31
CA TYR B 167 -4.62 10.87 30.29
C TYR B 167 -4.27 10.14 31.59
N GLU B 168 -3.07 10.38 32.11
CA GLU B 168 -2.54 9.59 33.22
C GLU B 168 -2.64 10.29 34.57
N MET B 169 -2.73 11.62 34.54
CA MET B 169 -2.85 12.41 35.76
C MET B 169 -3.71 13.64 35.51
N LYS B 170 -4.11 14.31 36.58
CA LYS B 170 -4.97 15.49 36.47
C LYS B 170 -4.44 16.62 35.59
N THR B 171 -3.16 16.97 35.71
CA THR B 171 -2.57 17.98 34.82
C THR B 171 -2.63 17.63 33.33
N ASP B 172 -2.71 16.34 33.00
CA ASP B 172 -2.85 15.90 31.61
C ASP B 172 -4.13 16.42 30.96
N TYR B 173 -5.24 16.39 31.69
CA TYR B 173 -6.51 16.91 31.18
C TYR B 173 -6.45 18.41 30.93
N GLN B 174 -5.74 19.11 31.80
CA GLN B 174 -5.64 20.56 31.67
C GLN B 174 -4.72 20.91 30.52
N ALA B 175 -3.67 20.10 30.33
CA ALA B 175 -2.73 20.32 29.24
C ALA B 175 -3.44 20.20 27.88
N VAL B 176 -4.42 19.31 27.79
CA VAL B 176 -5.16 19.15 26.53
C VAL B 176 -5.85 20.47 26.16
N VAL B 177 -6.58 21.04 27.11
CA VAL B 177 -7.36 22.24 26.83
C VAL B 177 -6.47 23.46 26.57
N SER B 178 -5.41 23.63 27.36
CA SER B 178 -4.46 24.71 27.14
CA SER B 178 -4.48 24.72 27.14
C SER B 178 -3.79 24.58 25.78
N GLY B 179 -3.49 23.35 25.40
CA GLY B 179 -2.85 23.11 24.13
C GLY B 179 -3.74 23.44 22.95
N ILE B 180 -5.00 22.99 23.01
CA ILE B 180 -5.97 23.26 21.97
C ILE B 180 -6.22 24.77 21.87
N ALA B 181 -6.33 25.44 23.01
CA ALA B 181 -6.51 26.88 23.04
C ALA B 181 -5.38 27.61 22.31
N GLU B 182 -4.14 27.15 22.50
CA GLU B 182 -3.00 27.79 21.84
C GLU B 182 -3.00 27.56 20.32
N GLY B 183 -3.34 26.35 19.90
CA GLY B 183 -3.42 26.08 18.48
C GLY B 183 -4.55 26.88 17.83
N TYR B 184 -5.70 26.92 18.50
CA TYR B 184 -6.89 27.60 17.97
C TYR B 184 -6.62 29.09 17.83
N LYS B 185 -5.84 29.63 18.75
CA LYS B 185 -5.43 31.02 18.71
C LYS B 185 -4.68 31.35 17.41
N ARG B 186 -3.83 30.42 17.00
CA ARG B 186 -3.01 30.57 15.80
C ARG B 186 -3.72 30.15 14.50
N PHE B 187 -4.70 29.27 14.62
CA PHE B 187 -5.32 28.68 13.42
C PHE B 187 -6.75 28.34 13.76
N ALA B 188 -7.59 29.37 13.77
CA ALA B 188 -8.97 29.25 14.23
C ALA B 188 -9.88 28.50 13.26
N THR B 189 -9.43 28.32 12.03
CA THR B 189 -10.22 27.57 11.05
C THR B 189 -9.75 26.13 10.88
N GLY B 190 -8.79 25.71 11.69
CA GLY B 190 -8.36 24.31 11.67
C GLY B 190 -9.43 23.34 12.15
N ILE B 191 -9.34 22.11 11.68
CA ILE B 191 -10.19 21.06 12.24
C ILE B 191 -9.39 20.34 13.31
N TYR B 192 -9.86 20.41 14.55
CA TYR B 192 -9.17 19.76 15.67
C TYR B 192 -9.97 18.54 16.12
N ALA B 193 -9.34 17.37 16.10
CA ALA B 193 -10.00 16.13 16.51
C ALA B 193 -9.25 15.55 17.70
N LEU B 194 -9.92 15.54 18.86
CA LEU B 194 -9.33 15.09 20.10
C LEU B 194 -9.96 13.75 20.53
N TRP B 195 -9.14 12.72 20.71
CA TRP B 195 -9.63 11.47 21.28
C TRP B 195 -9.58 11.53 22.80
N TYR B 196 -10.63 11.03 23.47
CA TYR B 196 -10.63 10.92 24.94
C TYR B 196 -11.22 9.58 25.41
N PRO B 197 -10.72 9.06 26.53
CA PRO B 197 -11.28 7.88 27.19
C PRO B 197 -12.29 8.28 28.28
N VAL B 198 -13.26 7.42 28.55
CA VAL B 198 -14.13 7.60 29.71
C VAL B 198 -13.78 6.51 30.71
N VAL B 199 -13.02 6.87 31.73
CA VAL B 199 -12.78 5.97 32.85
C VAL B 199 -13.61 6.47 34.04
N LEU B 200 -13.32 7.69 34.48
CA LEU B 200 -14.19 8.36 35.43
C LEU B 200 -14.84 9.55 34.73
N ARG B 201 -16.15 9.49 34.59
CA ARG B 201 -16.91 10.50 33.88
C ARG B 201 -16.64 11.92 34.38
N GLN B 202 -16.45 12.08 35.70
CA GLN B 202 -16.23 13.44 36.26
C GLN B 202 -15.05 14.17 35.66
N GLN B 203 -13.98 13.47 35.33
CA GLN B 203 -12.81 14.14 34.76
C GLN B 203 -13.08 14.64 33.35
N ILE B 204 -13.87 13.87 32.60
CA ILE B 204 -14.28 14.28 31.25
C ILE B 204 -15.26 15.45 31.30
N LYS B 205 -16.20 15.39 32.24
CA LYS B 205 -17.13 16.48 32.45
C LYS B 205 -16.38 17.79 32.73
N ARG B 206 -15.40 17.71 33.63
CA ARG B 206 -14.57 18.87 33.97
C ARG B 206 -13.75 19.37 32.77
N MET B 207 -13.16 18.45 32.02
CA MET B 207 -12.38 18.85 30.86
C MET B 207 -13.21 19.58 29.82
N ILE B 208 -14.40 19.06 29.56
CA ILE B 208 -15.29 19.68 28.61
C ILE B 208 -15.76 21.05 29.08
N HIS B 209 -16.04 21.19 30.37
CA HIS B 209 -16.38 22.49 30.94
C HIS B 209 -15.27 23.50 30.66
N ASP B 210 -14.03 23.10 30.92
CA ASP B 210 -12.87 23.95 30.68
C ASP B 210 -12.76 24.31 29.20
N LEU B 211 -13.08 23.36 28.33
CA LEU B 211 -13.03 23.59 26.89
C LEU B 211 -14.05 24.65 26.49
N GLU B 212 -15.25 24.55 27.02
CA GLU B 212 -16.27 25.55 26.75
C GLU B 212 -15.81 26.94 27.18
N ALA B 213 -15.11 27.02 28.31
CA ALA B 213 -14.70 28.30 28.88
C ALA B 213 -13.67 29.02 28.00
N THR B 214 -13.06 28.30 27.05
CA THR B 214 -12.11 28.92 26.13
C THR B 214 -12.80 29.89 25.17
N GLY B 215 -14.10 29.77 25.04
CA GLY B 215 -14.85 30.58 24.08
C GLY B 215 -14.90 30.00 22.67
N ILE B 216 -14.23 28.87 22.47
CA ILE B 216 -14.24 28.23 21.16
C ILE B 216 -15.63 27.74 20.75
N ARG B 217 -16.01 28.03 19.50
CA ARG B 217 -17.33 27.64 19.01
C ARG B 217 -17.27 26.42 18.07
N LYS B 218 -18.44 25.86 17.73
CA LYS B 218 -18.56 24.75 16.79
C LYS B 218 -17.80 23.51 17.25
N ILE B 219 -18.24 22.93 18.37
CA ILE B 219 -17.58 21.78 18.97
C ILE B 219 -18.54 20.60 19.00
N LEU B 220 -18.19 19.55 18.28
CA LEU B 220 -19.01 18.37 18.16
C LEU B 220 -18.46 17.26 19.06
N GLN B 221 -19.35 16.46 19.68
CA GLN B 221 -18.94 15.36 20.54
C GLN B 221 -19.53 14.04 20.03
N ILE B 222 -18.66 13.10 19.74
CA ILE B 222 -19.04 11.79 19.23
C ILE B 222 -18.57 10.74 20.22
N GLU B 223 -19.48 9.94 20.78
CA GLU B 223 -19.10 9.00 21.84
C GLU B 223 -19.67 7.58 21.65
N LEU B 224 -18.82 6.57 21.88
CA LEU B 224 -19.28 5.19 21.84
C LEU B 224 -18.93 4.50 23.15
N ALA B 225 -19.94 4.01 23.84
CA ALA B 225 -19.78 3.35 25.14
C ALA B 225 -20.10 1.86 25.03
N VAL B 226 -19.22 1.00 25.54
CA VAL B 226 -19.48 -0.44 25.51
C VAL B 226 -20.16 -0.89 26.82
N LEU B 227 -20.13 -0.01 27.81
CA LEU B 227 -20.78 -0.23 29.09
C LEU B 227 -21.24 1.11 29.62
N PRO B 228 -22.23 1.11 30.53
CA PRO B 228 -22.60 2.37 31.20
C PRO B 228 -21.44 2.89 32.07
N ASP B 229 -21.42 4.19 32.37
CA ASP B 229 -20.38 4.80 33.20
C ASP B 229 -20.28 4.03 34.53
N SER B 230 -19.04 3.88 35.01
CA SER B 230 -18.80 3.18 36.26
C SER B 230 -17.60 3.78 36.99
N ASP B 231 -17.44 3.45 38.27
CA ASP B 231 -16.24 3.87 39.00
C ASP B 231 -15.30 2.68 39.16
N ARG B 232 -15.62 1.57 38.52
CA ARG B 232 -14.94 0.30 38.78
C ARG B 232 -14.80 -0.62 37.56
N ARG B 233 -14.89 -0.08 36.34
CA ARG B 233 -14.82 -0.94 35.16
C ARG B 233 -13.80 -0.51 34.10
N GLY B 234 -12.74 0.17 34.50
CA GLY B 234 -11.75 0.64 33.54
C GLY B 234 -12.39 1.58 32.53
N MET B 235 -11.92 1.55 31.29
CA MET B 235 -12.50 2.41 30.25
C MET B 235 -13.81 1.82 29.72
N THR B 236 -14.91 2.51 29.99
CA THR B 236 -16.24 2.02 29.58
C THR B 236 -16.68 2.63 28.25
N ALA B 237 -16.00 3.71 27.85
CA ALA B 237 -16.36 4.43 26.63
C ALA B 237 -15.18 5.24 26.13
N SER B 238 -15.29 5.73 24.90
CA SER B 238 -14.34 6.72 24.42
C SER B 238 -15.08 7.61 23.42
N GLY B 239 -14.48 8.74 23.08
CA GLY B 239 -15.13 9.64 22.16
C GLY B 239 -14.17 10.47 21.37
N MET B 240 -14.71 11.22 20.41
CA MET B 240 -13.94 12.20 19.66
C MET B 240 -14.64 13.55 19.84
N ILE B 241 -13.88 14.55 20.27
CA ILE B 241 -14.33 15.93 20.28
C ILE B 241 -13.74 16.61 19.06
N VAL B 242 -14.60 17.15 18.21
CA VAL B 242 -14.15 17.75 16.96
C VAL B 242 -14.56 19.23 16.85
N ILE B 243 -13.56 20.10 16.78
CA ILE B 243 -13.75 21.53 16.58
C ILE B 243 -13.71 21.85 15.09
N ASN B 244 -14.69 22.62 14.62
CA ASN B 244 -14.90 22.86 13.18
C ASN B 244 -15.04 21.55 12.38
N PRO B 245 -15.98 20.69 12.76
CA PRO B 245 -16.15 19.45 11.98
C PRO B 245 -16.62 19.77 10.57
N PRO B 246 -16.23 18.95 9.57
CA PRO B 246 -16.80 19.15 8.23
C PRO B 246 -18.32 19.02 8.30
N TRP B 247 -19.05 19.72 7.42
CA TRP B 247 -20.51 19.74 7.49
C TRP B 247 -21.14 18.35 7.40
N LYS B 248 -20.49 17.42 6.71
CA LYS B 248 -21.04 16.07 6.55
C LYS B 248 -20.94 15.17 7.79
N LEU B 249 -20.07 15.52 8.75
CA LEU B 249 -19.67 14.57 9.79
C LEU B 249 -20.83 14.15 10.71
N GLU B 250 -21.63 15.12 11.15
CA GLU B 250 -22.70 14.80 12.09
C GLU B 250 -23.64 13.72 11.58
N GLN B 251 -24.13 13.89 10.35
CA GLN B 251 -25.00 12.88 9.75
C GLN B 251 -24.26 11.58 9.43
N GLN B 252 -23.00 11.69 9.00
CA GLN B 252 -22.24 10.46 8.73
C GLN B 252 -22.16 9.61 10.00
N MET B 253 -21.95 10.24 11.15
CA MET B 253 -21.88 9.49 12.41
C MET B 253 -23.26 8.99 12.85
N ASN B 254 -24.31 9.78 12.62
CA ASN B 254 -25.66 9.29 12.92
C ASN B 254 -25.99 8.05 12.10
N ASN B 255 -25.48 8.01 10.88
CA ASN B 255 -25.72 6.87 10.00
C ASN B 255 -24.98 5.61 10.45
N VAL B 256 -23.75 5.77 10.92
CA VAL B 256 -22.90 4.61 11.17
CA VAL B 256 -22.88 4.62 11.16
C VAL B 256 -22.82 4.14 12.61
N LEU B 257 -23.07 5.05 13.56
CA LEU B 257 -22.99 4.69 14.98
C LEU B 257 -23.86 3.50 15.44
N PRO B 258 -25.14 3.43 14.99
CA PRO B 258 -25.92 2.25 15.38
C PRO B 258 -25.31 0.94 14.87
N TRP B 259 -24.83 0.92 13.63
CA TRP B 259 -24.23 -0.28 13.07
C TRP B 259 -22.97 -0.64 13.85
N LEU B 260 -22.08 0.34 14.04
CA LEU B 260 -20.83 0.11 14.78
C LEU B 260 -21.08 -0.45 16.17
N HIS B 261 -22.02 0.17 16.88
CA HIS B 261 -22.31 -0.25 18.24
C HIS B 261 -22.86 -1.68 18.26
N SER B 262 -23.70 -2.01 17.30
CA SER B 262 -24.30 -3.34 17.26
C SER B 262 -23.24 -4.40 17.01
N LYS B 263 -22.18 -4.05 16.27
CA LYS B 263 -21.11 -5.00 15.98
C LYS B 263 -20.08 -5.11 17.12
N LEU B 264 -19.72 -3.95 17.68
CA LEU B 264 -18.70 -3.88 18.71
C LEU B 264 -19.22 -4.38 20.06
N VAL B 265 -20.53 -4.20 20.28
CA VAL B 265 -21.16 -4.52 21.54
C VAL B 265 -22.40 -5.39 21.31
N PRO B 266 -22.20 -6.67 21.03
CA PRO B 266 -23.35 -7.52 20.66
C PRO B 266 -24.44 -7.61 21.75
N ALA B 267 -24.06 -7.43 23.01
CA ALA B 267 -25.03 -7.46 24.10
C ALA B 267 -25.88 -6.18 24.18
N GLY B 268 -25.48 -5.14 23.46
CA GLY B 268 -26.26 -3.93 23.38
C GLY B 268 -26.15 -2.95 24.53
N THR B 269 -25.19 -3.18 25.42
CA THR B 269 -24.98 -2.30 26.57
C THR B 269 -24.30 -0.98 26.16
N GLY B 270 -24.36 0.03 27.03
CA GLY B 270 -23.72 1.31 26.75
C GLY B 270 -24.57 2.18 25.83
N HIS B 271 -23.92 2.90 24.91
CA HIS B 271 -24.63 3.81 24.01
C HIS B 271 -23.73 4.27 22.86
N ALA B 272 -24.33 4.97 21.89
CA ALA B 272 -23.56 5.60 20.81
C ALA B 272 -24.26 6.89 20.41
N THR B 273 -23.60 8.03 20.64
CA THR B 273 -24.23 9.35 20.47
C THR B 273 -23.39 10.39 19.72
N VAL B 274 -24.08 11.31 19.03
CA VAL B 274 -23.44 12.50 18.46
C VAL B 274 -24.24 13.70 18.93
N SER B 275 -23.57 14.71 19.46
CA SER B 275 -24.25 15.94 19.84
C SER B 275 -23.26 17.09 19.85
N TRP B 276 -23.79 18.31 19.99
CA TRP B 276 -22.95 19.49 20.04
C TRP B 276 -22.66 19.93 21.46
N ILE B 277 -21.39 20.14 21.77
CA ILE B 277 -20.99 20.75 23.04
C ILE B 277 -21.27 22.24 22.91
N VAL B 278 -20.81 22.81 21.80
CA VAL B 278 -21.09 24.20 21.43
C VAL B 278 -21.53 24.26 19.98
N PRO B 279 -22.82 24.50 19.74
CA PRO B 279 -23.34 24.57 18.37
C PRO B 279 -22.94 25.88 17.71
N GLU B 280 -23.33 26.05 16.45
CA GLU B 280 -23.43 27.36 15.80
C GLU B 280 -23.94 27.23 14.38
C TRS C . 14.96 -5.73 -16.29
C1 TRS C . 13.76 -6.20 -17.12
C2 TRS C . 16.04 -6.81 -16.36
C3 TRS C . 15.48 -4.39 -16.81
N TRS C . 14.53 -5.58 -14.88
O1 TRS C . 13.34 -7.44 -16.60
O2 TRS C . 17.03 -6.52 -15.40
O3 TRS C . 16.02 -4.51 -18.11
C1 GOL D . -4.11 -28.61 -14.19
O1 GOL D . -4.54 -28.57 -15.48
C2 GOL D . -5.36 -28.96 -13.47
O2 GOL D . -6.54 -28.53 -14.18
C3 GOL D . -5.38 -30.45 -13.55
O3 GOL D . -5.86 -30.61 -14.83
C1 EDO E . 14.23 -4.74 -11.78
O1 EDO E . 15.39 -4.09 -11.23
C2 EDO E . 13.12 -3.72 -11.99
O2 EDO E . 12.03 -4.01 -11.12
C1 EDO F . 15.68 -8.94 -12.54
O1 EDO F . 14.59 -8.27 -13.20
C2 EDO F . 15.17 -10.05 -11.60
O2 EDO F . 14.53 -11.07 -12.37
C1 EDO G . 16.58 4.84 -36.76
O1 EDO G . 15.68 3.82 -37.23
C2 EDO G . 16.92 4.60 -35.29
O2 EDO G . 18.28 4.95 -35.06
C1 EDO H . -2.40 5.66 -4.87
O1 EDO H . -1.20 5.83 -4.13
C2 EDO H . -2.24 4.49 -5.83
O2 EDO H . -2.27 3.27 -5.10
C1 EDO I . 18.34 -4.02 -12.71
O1 EDO I . 19.25 -4.59 -13.66
C2 EDO I . 16.96 -4.63 -12.92
O2 EDO I . 16.22 -3.82 -13.83
S SO4 J . -7.30 -20.24 -15.82
O1 SO4 J . -5.91 -20.39 -16.20
O2 SO4 J . -8.16 -20.48 -16.98
O3 SO4 J . -7.64 -21.20 -14.77
O4 SO4 J . -7.51 -18.87 -15.34
C TRS K . -5.95 3.99 22.28
C1 TRS K . -7.06 4.91 21.78
C2 TRS K . -5.12 4.73 23.35
C3 TRS K . -6.54 2.68 22.81
N TRS K . -5.08 3.69 21.14
O1 TRS K . -6.46 5.97 21.03
O2 TRS K . -3.97 3.98 23.72
O3 TRS K . -7.56 2.88 23.78
C1 GOL L . -0.12 5.01 19.73
O1 GOL L . -0.28 5.66 18.53
C2 GOL L . -1.06 5.59 20.78
O2 GOL L . -0.46 6.60 21.52
C3 GOL L . -2.36 6.10 20.18
O3 GOL L . -3.47 5.56 20.77
C1 PEG M . -7.85 33.06 20.20
O1 PEG M . -7.01 33.60 21.20
C2 PEG M . -9.16 32.63 20.86
O2 PEG M . -10.24 32.90 19.94
C3 PEG M . -11.55 32.71 20.49
C4 PEG M . -12.58 32.49 19.31
O4 PEG M . -13.84 32.05 19.87
C1 PEG N . -25.79 -7.91 14.87
O1 PEG N . -24.86 -7.67 13.84
C2 PEG N . -25.34 -7.15 16.12
O2 PEG N . -24.47 -8.01 16.90
C3 PEG N . -23.12 -8.06 16.42
C4 PEG N . -22.83 -9.53 15.92
O4 PEG N . -22.40 -10.33 17.03
C1 PEG O . -1.11 0.80 24.81
O1 PEG O . -2.10 1.43 24.01
C2 PEG O . -0.87 -0.61 24.27
O2 PEG O . -0.19 -1.37 25.30
C3 PEG O . 0.79 -2.29 24.78
C4 PEG O . 1.12 -3.36 25.91
O4 PEG O . 2.28 -4.11 25.50
C1 EDO P . -2.42 2.63 19.20
O1 EDO P . -1.82 1.39 19.59
C2 EDO P . -3.68 2.34 18.38
O2 EDO P . -3.35 2.32 16.99
C1 EDO Q . -16.53 20.27 5.34
O1 EDO Q . -16.60 19.99 3.95
C2 EDO Q . -17.72 21.14 5.76
O2 EDO Q . -17.27 22.49 5.94
C1 EDO R . -10.46 26.22 2.66
O1 EDO R . -9.95 27.15 3.61
C2 EDO R . -11.61 25.44 3.28
O2 EDO R . -11.14 24.19 3.79
C1 EDO S . -5.51 14.46 -6.72
O1 EDO S . -5.57 15.66 -5.94
C2 EDO S . -5.43 13.25 -5.80
O2 EDO S . -6.61 12.45 -5.81
C1 EDO T . 1.67 13.08 30.36
O1 EDO T . 2.55 14.13 29.95
C2 EDO T . 2.01 12.58 31.77
O2 EDO T . 1.18 11.46 32.09
C1 EDO U . 0.45 32.35 22.96
O1 EDO U . 1.77 32.13 23.48
C2 EDO U . -0.47 32.77 24.10
O2 EDO U . -1.76 32.17 23.91
C1 EDO V . -27.59 18.63 20.34
O1 EDO V . -26.28 19.12 20.63
C2 EDO V . -27.72 18.53 18.82
O2 EDO V . -27.43 17.19 18.40
C1 EDO W . -4.84 6.42 -2.44
O1 EDO W . -3.80 6.89 -3.21
C2 EDO W . -4.93 4.93 -2.49
O2 EDO W . -4.39 4.42 -1.30
C1 EDO X . -3.76 1.13 -3.87
O1 EDO X . -4.09 2.30 -3.11
C2 EDO X . -2.69 0.35 -3.15
O2 EDO X . -2.85 0.21 -1.72
S SO4 Y . 3.36 -0.77 2.96
S SO4 Y . 3.95 -0.63 1.68
O1 SO4 Y . 3.88 -0.93 1.62
O1 SO4 Y . 5.33 -1.08 1.85
O2 SO4 Y . 2.82 -1.85 3.60
O2 SO4 Y . 3.22 -1.60 0.85
O3 SO4 Y . 4.24 -0.35 3.86
O3 SO4 Y . 3.31 -0.52 2.98
O4 SO4 Y . 2.39 0.18 2.88
O4 SO4 Y . 3.95 0.68 1.02
#